data_5HJS
#
_entry.id   5HJS
#
_cell.length_a   125.007
_cell.length_b   125.007
_cell.length_c   92.339
_cell.angle_alpha   90.000
_cell.angle_beta   90.000
_cell.angle_gamma   90.000
#
_symmetry.space_group_name_H-M   'P 4 21 2'
#
loop_
_entity.id
_entity.type
_entity.pdbx_description
1 polymer 'Oxysterols receptor LXR-alpha'
2 polymer 'Nuclear receptor coactivator 1'
3 non-polymer "2-chloro-4-{1'-[(2R)-2-hydroxy-3-methyl-2-(trifluoromethyl)butanoyl]-4,4'-bipiperidin-1-yl}-N,N-dimethylbenzamide"
4 non-polymer 'SULFATE ION'
5 water water
#
loop_
_entity_poly.entity_id
_entity_poly.type
_entity_poly.pdbx_seq_one_letter_code
_entity_poly.pdbx_strand_id
1 'polypeptide(L)'
;MKHQHQHQHQHQHQQPLQEEEQAHATSLPPRASSPPQILPQLSPEQLGMIEKLVAAQQQCNRRSFSDRLRVTPWPMAPDP
HSREARQQRFAHFTELAIVSVQEIVDFAKQLPGFLQLSREDQIALLKTSAIEVMLLETSRRYNPGSESITFLKDFSYNRE
DFAKAGLQVEFINPIFEFSRAMNELQLNDAEFALLIAISIFSADRPNVQDQLQVERLQHTYVEALHAYVSIHHPHDRLMF
PRMLMKLVSLRTLSSVHSEQVFALRLQDKKLPPLLSEIWDVHE
;
A,B
2 'polypeptide(L)' CPSSHSSLTERHKILHRLLQEGSPS C,D
#
loop_
_chem_comp.id
_chem_comp.type
_chem_comp.name
_chem_comp.formula
668 non-polymer 2-chloro-4-{1'-[(2R)-2-hydroxy-3-methyl-2-(trifluoromethyl)butanoyl]-4,4'-bipiperidin-1-yl}-N,N-dimethylbenzamide 'C25 H35 Cl F3 N3 O3'
SO4 non-polymer 'SULFATE ION' 'O4 S -2'
#
# COMPACT_ATOMS: atom_id res chain seq x y z
N GLN A 41 23.07 -1.85 15.68
CA GLN A 41 23.63 -3.09 16.24
C GLN A 41 22.55 -3.94 16.92
N LEU A 42 22.48 -5.24 16.59
CA LEU A 42 21.52 -6.16 17.16
C LEU A 42 21.81 -6.39 18.62
N SER A 43 20.80 -6.13 19.44
CA SER A 43 20.93 -6.30 20.87
C SER A 43 20.57 -7.76 21.25
N PRO A 44 20.93 -8.23 22.46
CA PRO A 44 20.56 -9.61 22.85
C PRO A 44 19.05 -9.83 22.89
N GLU A 45 18.29 -8.77 23.21
CA GLU A 45 16.84 -8.82 23.29
C GLU A 45 16.25 -8.99 21.91
N GLN A 46 16.73 -8.21 20.94
CA GLN A 46 16.24 -8.35 19.55
C GLN A 46 16.63 -9.74 19.00
N LEU A 47 17.87 -10.19 19.25
CA LEU A 47 18.37 -11.51 18.81
C LEU A 47 17.45 -12.63 19.32
N GLY A 48 17.19 -12.64 20.61
CA GLY A 48 16.30 -13.61 21.25
C GLY A 48 14.89 -13.59 20.71
N MET A 49 14.37 -12.38 20.47
CA MET A 49 13.03 -12.20 19.92
C MET A 49 12.96 -12.79 18.50
N ILE A 50 13.95 -12.49 17.63
CA ILE A 50 13.97 -12.96 16.24
C ILE A 50 14.03 -14.46 16.21
N GLU A 51 14.87 -15.06 17.09
CA GLU A 51 15.02 -16.49 17.11
C GLU A 51 13.72 -17.19 17.50
N LYS A 52 12.97 -16.61 18.45
CA LYS A 52 11.69 -17.17 18.90
C LYS A 52 10.65 -17.12 17.81
N LEU A 53 10.65 -16.03 17.01
CA LEU A 53 9.75 -15.87 15.89
C LEU A 53 10.05 -16.93 14.83
N VAL A 54 11.35 -17.20 14.55
CA VAL A 54 11.74 -18.21 13.56
C VAL A 54 11.34 -19.60 14.05
N ALA A 55 11.55 -19.90 15.34
CA ALA A 55 11.17 -21.19 15.90
C ALA A 55 9.64 -21.41 15.88
N ALA A 56 8.83 -20.36 16.16
CA ALA A 56 7.36 -20.41 16.12
C ALA A 56 6.84 -20.76 14.72
N GLN A 57 7.53 -20.32 13.64
CA GLN A 57 7.16 -20.63 12.25
C GLN A 57 7.70 -21.97 11.74
N GLN A 58 8.55 -22.68 12.52
CA GLN A 58 9.10 -23.96 12.04
C GLN A 58 8.09 -25.08 12.24
N LEU A 69 -3.52 -34.14 7.86
CA LEU A 69 -4.24 -33.10 7.11
C LEU A 69 -5.26 -33.71 6.14
N ARG A 70 -6.53 -33.32 6.30
CA ARG A 70 -7.66 -33.79 5.49
C ARG A 70 -8.03 -32.73 4.42
N VAL A 71 -7.19 -32.60 3.37
CA VAL A 71 -7.40 -31.63 2.29
C VAL A 71 -8.06 -32.33 1.10
N THR A 72 -9.07 -31.68 0.47
CA THR A 72 -9.80 -32.20 -0.71
C THR A 72 -8.75 -32.41 -1.82
N PRO A 73 -8.56 -33.65 -2.33
CA PRO A 73 -7.52 -33.87 -3.35
C PRO A 73 -7.67 -33.05 -4.62
N TRP A 74 -6.54 -32.74 -5.28
CA TRP A 74 -6.49 -31.97 -6.52
C TRP A 74 -6.80 -32.91 -7.71
N PRO A 75 -7.90 -32.70 -8.48
CA PRO A 75 -8.19 -33.59 -9.61
C PRO A 75 -7.31 -33.31 -10.82
N SER A 82 -14.93 -30.79 -16.52
CA SER A 82 -16.20 -31.01 -15.82
C SER A 82 -16.48 -29.96 -14.74
N ARG A 83 -17.78 -29.76 -14.39
CA ARG A 83 -18.21 -28.80 -13.37
C ARG A 83 -17.73 -29.26 -11.98
N GLU A 84 -17.70 -30.58 -11.74
CA GLU A 84 -17.26 -31.15 -10.47
C GLU A 84 -15.76 -30.97 -10.21
N ALA A 85 -14.91 -31.17 -11.25
CA ALA A 85 -13.46 -31.00 -11.11
C ALA A 85 -13.09 -29.54 -10.77
N ARG A 86 -13.80 -28.57 -11.36
CA ARG A 86 -13.65 -27.12 -11.13
C ARG A 86 -14.04 -26.82 -9.68
N GLN A 87 -15.12 -27.43 -9.19
CA GLN A 87 -15.66 -27.30 -7.84
C GLN A 87 -14.69 -27.88 -6.80
N GLN A 88 -13.99 -28.97 -7.15
CA GLN A 88 -13.03 -29.64 -6.27
C GLN A 88 -11.68 -28.92 -6.26
N ARG A 89 -11.30 -28.27 -7.39
CA ARG A 89 -10.06 -27.50 -7.54
C ARG A 89 -10.23 -26.23 -6.69
N PHE A 90 -11.41 -25.59 -6.81
CA PHE A 90 -11.80 -24.39 -6.04
C PHE A 90 -11.77 -24.75 -4.55
N ALA A 91 -12.37 -25.91 -4.17
CA ALA A 91 -12.41 -26.40 -2.80
C ALA A 91 -10.99 -26.66 -2.27
N HIS A 92 -10.10 -27.23 -3.11
CA HIS A 92 -8.71 -27.52 -2.72
C HIS A 92 -8.02 -26.21 -2.28
N PHE A 93 -8.13 -25.14 -3.09
CA PHE A 93 -7.53 -23.82 -2.82
C PHE A 93 -8.09 -23.13 -1.57
N THR A 94 -9.42 -23.20 -1.35
CA THR A 94 -10.08 -22.64 -0.17
C THR A 94 -9.60 -23.35 1.10
N GLU A 95 -9.34 -24.67 1.01
CA GLU A 95 -8.86 -25.48 2.13
C GLU A 95 -7.39 -25.19 2.44
N LEU A 96 -6.57 -24.89 1.42
CA LEU A 96 -5.17 -24.52 1.65
C LEU A 96 -5.13 -23.14 2.35
N ALA A 97 -6.05 -22.23 1.95
CA ALA A 97 -6.19 -20.88 2.51
C ALA A 97 -6.57 -20.92 3.98
N ILE A 98 -7.47 -21.87 4.36
CA ILE A 98 -7.94 -22.10 5.73
C ILE A 98 -6.76 -22.55 6.59
N VAL A 99 -5.94 -23.48 6.08
CA VAL A 99 -4.77 -23.99 6.80
C VAL A 99 -3.81 -22.81 7.05
N SER A 100 -3.65 -21.96 6.03
CA SER A 100 -2.80 -20.78 6.10
C SER A 100 -3.32 -19.82 7.18
N VAL A 101 -4.65 -19.50 7.20
CA VAL A 101 -5.24 -18.59 8.24
C VAL A 101 -4.97 -19.14 9.64
N GLN A 102 -5.14 -20.45 9.82
CA GLN A 102 -4.92 -21.10 11.10
C GLN A 102 -3.49 -20.95 11.57
N GLU A 103 -2.50 -21.09 10.65
CA GLU A 103 -1.07 -20.94 10.99
C GLU A 103 -0.75 -19.49 11.32
N ILE A 104 -1.36 -18.51 10.63
CA ILE A 104 -1.18 -17.06 10.86
C ILE A 104 -1.63 -16.69 12.27
N VAL A 105 -2.83 -17.20 12.69
CA VAL A 105 -3.42 -16.98 14.02
C VAL A 105 -2.45 -17.57 15.08
N ASP A 106 -1.95 -18.80 14.86
CA ASP A 106 -1.01 -19.43 15.78
C ASP A 106 0.26 -18.61 15.92
N PHE A 107 0.81 -18.13 14.79
CA PHE A 107 2.04 -17.33 14.80
C PHE A 107 1.83 -15.97 15.51
N ALA A 108 0.76 -15.22 15.15
CA ALA A 108 0.41 -13.93 15.76
C ALA A 108 0.31 -14.04 17.27
N LYS A 109 -0.24 -15.15 17.77
CA LYS A 109 -0.35 -15.35 19.24
C LYS A 109 1.00 -15.44 19.91
N GLN A 110 2.06 -15.78 19.16
CA GLN A 110 3.42 -15.91 19.69
C GLN A 110 4.25 -14.61 19.53
N LEU A 111 3.68 -13.59 18.85
CA LEU A 111 4.35 -12.30 18.65
C LEU A 111 4.36 -11.47 19.93
N PRO A 112 5.53 -11.09 20.47
CA PRO A 112 5.53 -10.22 21.67
C PRO A 112 4.61 -8.97 21.48
N GLY A 113 3.75 -8.72 22.46
CA GLY A 113 2.79 -7.62 22.45
C GLY A 113 1.44 -7.89 21.82
N PHE A 114 1.32 -8.94 20.97
CA PHE A 114 0.05 -9.22 20.32
C PHE A 114 -1.07 -9.60 21.30
N LEU A 115 -0.84 -10.51 22.24
CA LEU A 115 -1.91 -10.93 23.13
C LEU A 115 -2.28 -9.91 24.22
N GLN A 116 -1.54 -8.78 24.35
CA GLN A 116 -1.77 -7.67 25.32
C GLN A 116 -2.70 -6.64 24.71
N LEU A 117 -2.93 -6.75 23.39
CA LEU A 117 -3.86 -5.88 22.70
C LEU A 117 -5.23 -6.44 23.03
N SER A 118 -6.28 -5.64 22.91
CA SER A 118 -7.62 -6.19 23.19
C SER A 118 -7.92 -7.29 22.15
N ARG A 119 -8.84 -8.23 22.45
CA ARG A 119 -9.18 -9.30 21.50
C ARG A 119 -9.79 -8.69 20.26
N GLU A 120 -10.54 -7.58 20.45
CA GLU A 120 -11.16 -6.79 19.37
C GLU A 120 -10.08 -6.27 18.39
N ASP A 121 -8.96 -5.68 18.92
CA ASP A 121 -7.84 -5.20 18.10
C ASP A 121 -7.11 -6.38 17.46
N GLN A 122 -6.99 -7.50 18.16
CA GLN A 122 -6.35 -8.70 17.61
C GLN A 122 -7.08 -9.15 16.36
N ILE A 123 -8.43 -9.19 16.43
CA ILE A 123 -9.29 -9.57 15.31
C ILE A 123 -9.20 -8.53 14.21
N ALA A 124 -9.19 -7.21 14.56
CA ALA A 124 -9.07 -6.15 13.54
C ALA A 124 -7.78 -6.27 12.76
N LEU A 125 -6.70 -6.64 13.44
CA LEU A 125 -5.39 -6.77 12.78
C LEU A 125 -5.32 -7.99 11.92
N LEU A 126 -5.83 -9.09 12.43
CA LEU A 126 -5.79 -10.34 11.69
C LEU A 126 -6.74 -10.35 10.49
N LYS A 127 -7.96 -9.81 10.62
CA LYS A 127 -8.93 -9.78 9.52
C LYS A 127 -8.33 -9.17 8.23
N THR A 128 -7.63 -8.03 8.36
CA THR A 128 -7.12 -7.35 7.18
C THR A 128 -5.67 -7.66 6.87
N SER A 129 -4.88 -8.23 7.79
CA SER A 129 -3.51 -8.60 7.41
C SER A 129 -3.44 -10.04 6.86
N ALA A 130 -4.44 -10.90 7.14
CA ALA A 130 -4.42 -12.30 6.72
C ALA A 130 -4.00 -12.52 5.27
N ILE A 131 -4.63 -11.81 4.33
CA ILE A 131 -4.32 -11.94 2.90
C ILE A 131 -2.87 -11.52 2.57
N GLU A 132 -2.35 -10.47 3.23
CA GLU A 132 -1.00 -9.96 3.01
C GLU A 132 -0.01 -11.00 3.50
N VAL A 133 -0.24 -11.56 4.68
CA VAL A 133 0.62 -12.60 5.27
C VAL A 133 0.58 -13.88 4.42
N MET A 134 -0.62 -14.25 3.90
CA MET A 134 -0.79 -15.42 3.02
C MET A 134 0.01 -15.25 1.72
N LEU A 135 -0.01 -14.01 1.14
CA LEU A 135 0.71 -13.73 -0.10
C LEU A 135 2.22 -13.68 0.15
N LEU A 136 2.67 -13.36 1.39
CA LEU A 136 4.10 -13.36 1.73
C LEU A 136 4.55 -14.82 1.83
N GLU A 137 3.71 -15.70 2.43
CA GLU A 137 3.99 -17.14 2.56
C GLU A 137 4.00 -17.76 1.17
N THR A 138 3.11 -17.28 0.26
CA THR A 138 3.05 -17.74 -1.13
C THR A 138 4.39 -17.40 -1.83
N SER A 139 4.88 -16.13 -1.69
CA SER A 139 6.14 -15.64 -2.30
C SER A 139 7.37 -16.41 -1.83
N ARG A 140 7.34 -16.84 -0.56
CA ARG A 140 8.37 -17.62 0.14
C ARG A 140 8.45 -19.05 -0.43
N ARG A 141 7.36 -19.51 -1.08
CA ARG A 141 7.25 -20.85 -1.63
C ARG A 141 7.35 -20.90 -3.16
N TYR A 142 7.67 -19.77 -3.79
CA TYR A 142 7.83 -19.59 -5.24
C TYR A 142 9.06 -20.33 -5.75
N ASN A 143 8.90 -21.00 -6.92
CA ASN A 143 9.93 -21.76 -7.61
C ASN A 143 10.24 -20.98 -8.90
N PRO A 144 11.39 -20.25 -8.97
CA PRO A 144 11.67 -19.42 -10.16
C PRO A 144 11.81 -20.17 -11.50
N GLY A 145 12.33 -21.38 -11.44
CA GLY A 145 12.53 -22.23 -12.62
C GLY A 145 11.25 -22.55 -13.35
N SER A 146 10.33 -23.27 -12.67
CA SER A 146 9.04 -23.66 -13.21
C SER A 146 7.97 -22.57 -13.10
N GLU A 147 8.28 -21.43 -12.42
CA GLU A 147 7.36 -20.30 -12.19
C GLU A 147 6.07 -20.84 -11.55
N SER A 148 6.25 -21.61 -10.48
CA SER A 148 5.18 -22.24 -9.74
C SER A 148 5.32 -22.01 -8.23
N ILE A 149 4.28 -22.35 -7.44
CA ILE A 149 4.26 -22.23 -5.97
C ILE A 149 3.99 -23.60 -5.37
N THR A 150 4.83 -24.03 -4.43
CA THR A 150 4.72 -25.30 -3.74
C THR A 150 4.04 -25.11 -2.38
N PHE A 151 2.80 -25.61 -2.25
CA PHE A 151 2.02 -25.54 -1.01
C PHE A 151 2.15 -26.86 -0.26
N LEU A 152 2.33 -26.79 1.08
CA LEU A 152 2.45 -27.94 1.99
C LEU A 152 3.49 -29.00 1.54
N LYS A 153 4.72 -28.56 1.21
CA LYS A 153 5.87 -29.39 0.78
C LYS A 153 5.59 -30.44 -0.33
N ASP A 154 4.51 -30.29 -1.10
CA ASP A 154 4.19 -31.25 -2.15
C ASP A 154 3.49 -30.63 -3.36
N PHE A 155 2.28 -30.08 -3.13
CA PHE A 155 1.38 -29.48 -4.12
C PHE A 155 1.97 -28.26 -4.87
N SER A 156 2.57 -28.49 -6.05
CA SER A 156 3.17 -27.44 -6.87
C SER A 156 2.16 -26.90 -7.90
N TYR A 157 1.90 -25.58 -7.90
CA TYR A 157 0.92 -24.95 -8.80
C TYR A 157 1.44 -23.73 -9.54
N ASN A 158 1.07 -23.63 -10.82
CA ASN A 158 1.44 -22.54 -11.71
C ASN A 158 0.26 -21.63 -12.03
N ARG A 159 0.48 -20.59 -12.85
CA ARG A 159 -0.55 -19.62 -13.24
C ARG A 159 -1.81 -20.26 -13.82
N GLU A 160 -1.66 -21.38 -14.56
CA GLU A 160 -2.80 -22.06 -15.19
C GLU A 160 -3.61 -22.85 -14.18
N ASP A 161 -2.93 -23.44 -13.16
CA ASP A 161 -3.55 -24.19 -12.07
C ASP A 161 -4.44 -23.27 -11.21
N PHE A 162 -4.00 -22.00 -11.00
CA PHE A 162 -4.73 -20.99 -10.24
C PHE A 162 -6.00 -20.59 -10.99
N ALA A 163 -5.90 -20.53 -12.35
CA ALA A 163 -7.04 -20.16 -13.22
C ALA A 163 -8.07 -21.28 -13.17
N LYS A 164 -7.59 -22.55 -13.15
CA LYS A 164 -8.42 -23.75 -13.08
C LYS A 164 -9.14 -23.82 -11.74
N ALA A 165 -8.53 -23.24 -10.67
CA ALA A 165 -9.07 -23.20 -9.31
C ALA A 165 -10.10 -22.07 -9.06
N GLY A 166 -10.50 -21.37 -10.13
CA GLY A 166 -11.50 -20.30 -10.07
C GLY A 166 -11.03 -18.87 -9.93
N LEU A 167 -9.70 -18.65 -9.91
CA LEU A 167 -9.10 -17.32 -9.78
C LEU A 167 -9.11 -16.57 -11.10
N GLN A 168 -9.38 -15.27 -11.06
CA GLN A 168 -9.40 -14.45 -12.26
C GLN A 168 -7.95 -13.99 -12.56
N VAL A 169 -7.55 -13.89 -13.85
CA VAL A 169 -6.18 -13.52 -14.25
C VAL A 169 -5.73 -12.17 -13.67
N GLU A 170 -6.69 -11.26 -13.40
CA GLU A 170 -6.45 -9.93 -12.83
C GLU A 170 -5.82 -10.03 -11.43
N PHE A 171 -5.95 -11.19 -10.77
CA PHE A 171 -5.40 -11.48 -9.44
C PHE A 171 -4.21 -12.42 -9.52
N ILE A 172 -4.26 -13.43 -10.40
CA ILE A 172 -3.18 -14.41 -10.59
C ILE A 172 -1.86 -13.75 -11.01
N ASN A 173 -1.93 -12.84 -12.00
CA ASN A 173 -0.75 -12.14 -12.54
C ASN A 173 -0.07 -11.32 -11.46
N PRO A 174 -0.75 -10.40 -10.72
CA PRO A 174 -0.08 -9.71 -9.62
C PRO A 174 0.53 -10.63 -8.54
N ILE A 175 -0.09 -11.80 -8.23
CA ILE A 175 0.46 -12.74 -7.22
C ILE A 175 1.82 -13.28 -7.69
N PHE A 176 1.88 -13.71 -8.96
CA PHE A 176 3.10 -14.27 -9.52
C PHE A 176 4.17 -13.20 -9.76
N GLU A 177 3.75 -11.97 -10.11
CA GLU A 177 4.63 -10.83 -10.32
C GLU A 177 5.27 -10.46 -8.99
N PHE A 178 4.45 -10.44 -7.91
CA PHE A 178 4.93 -10.12 -6.55
C PHE A 178 5.90 -11.19 -6.05
N SER A 179 5.56 -12.46 -6.26
CA SER A 179 6.36 -13.62 -5.85
C SER A 179 7.75 -13.64 -6.52
N ARG A 180 7.79 -13.25 -7.81
CA ARG A 180 9.03 -13.17 -8.60
C ARG A 180 9.93 -12.06 -8.00
N ALA A 181 9.38 -10.83 -7.80
CA ALA A 181 10.08 -9.69 -7.22
C ALA A 181 10.60 -9.99 -5.83
N MET A 182 9.81 -10.69 -5.00
CA MET A 182 10.19 -11.08 -3.64
C MET A 182 11.33 -12.07 -3.66
N ASN A 183 11.27 -13.06 -4.58
CA ASN A 183 12.28 -14.10 -4.72
C ASN A 183 13.68 -13.49 -5.05
N GLU A 184 13.73 -12.37 -5.81
CA GLU A 184 14.97 -11.67 -6.16
C GLU A 184 15.70 -11.14 -4.89
N LEU A 185 14.93 -10.72 -3.86
CA LEU A 185 15.43 -10.20 -2.59
C LEU A 185 16.10 -11.27 -1.76
N GLN A 186 15.73 -12.55 -2.00
CA GLN A 186 16.27 -13.75 -1.32
C GLN A 186 16.27 -13.60 0.20
N LEU A 187 15.06 -13.44 0.76
CA LEU A 187 14.87 -13.28 2.20
C LEU A 187 14.99 -14.61 2.91
N ASN A 188 15.50 -14.60 4.13
CA ASN A 188 15.64 -15.84 4.90
C ASN A 188 14.47 -15.97 5.88
N ASP A 189 14.49 -16.95 6.80
CA ASP A 189 13.39 -17.15 7.76
C ASP A 189 13.14 -15.93 8.67
N ALA A 190 14.22 -15.34 9.20
CA ALA A 190 14.14 -14.19 10.08
C ALA A 190 13.53 -12.97 9.42
N GLU A 191 13.92 -12.70 8.17
CA GLU A 191 13.39 -11.51 7.47
C GLU A 191 11.93 -11.67 7.12
N PHE A 192 11.51 -12.91 6.74
CA PHE A 192 10.09 -13.18 6.44
C PHE A 192 9.26 -13.07 7.70
N ALA A 193 9.73 -13.64 8.84
CA ALA A 193 9.04 -13.58 10.13
C ALA A 193 8.90 -12.14 10.61
N LEU A 194 9.93 -11.30 10.41
CA LEU A 194 9.83 -9.90 10.82
C LEU A 194 8.91 -9.08 9.89
N LEU A 195 8.95 -9.31 8.56
CA LEU A 195 8.07 -8.62 7.62
C LEU A 195 6.63 -9.00 7.91
N ILE A 196 6.38 -10.28 8.28
CA ILE A 196 5.03 -10.75 8.64
C ILE A 196 4.57 -9.97 9.91
N ALA A 197 5.42 -9.92 10.97
CA ALA A 197 5.12 -9.17 12.20
C ALA A 197 4.82 -7.69 11.89
N ILE A 198 5.63 -7.05 10.99
CA ILE A 198 5.42 -5.66 10.60
C ILE A 198 4.06 -5.49 9.89
N SER A 199 3.71 -6.43 9.00
CA SER A 199 2.41 -6.40 8.29
C SER A 199 1.23 -6.50 9.28
N ILE A 200 1.31 -7.42 10.26
CA ILE A 200 0.25 -7.61 11.27
C ILE A 200 0.03 -6.34 12.13
N PHE A 201 1.12 -5.76 12.62
CA PHE A 201 1.10 -4.58 13.44
C PHE A 201 0.96 -3.25 12.67
N SER A 202 -0.03 -3.11 11.79
CA SER A 202 -0.23 -1.84 11.07
C SER A 202 -1.36 -1.05 11.76
N ALA A 203 -1.02 0.11 12.37
CA ALA A 203 -2.00 0.95 13.08
C ALA A 203 -3.10 1.54 12.18
N ASP A 204 -2.87 1.56 10.86
CA ASP A 204 -3.78 2.14 9.87
C ASP A 204 -4.89 1.17 9.38
N ARG A 205 -4.93 -0.07 9.90
CA ARG A 205 -5.96 -1.06 9.51
C ARG A 205 -7.31 -0.52 9.93
N PRO A 206 -8.41 -0.83 9.19
CA PRO A 206 -9.72 -0.37 9.66
C PRO A 206 -10.04 -0.98 11.03
N ASN A 207 -10.77 -0.22 11.86
CA ASN A 207 -11.28 -0.57 13.19
C ASN A 207 -10.23 -0.89 14.28
N VAL A 208 -9.02 -0.30 14.21
CA VAL A 208 -7.99 -0.51 15.25
C VAL A 208 -8.23 0.59 16.31
N GLN A 209 -8.36 0.20 17.58
CA GLN A 209 -8.60 1.18 18.63
C GLN A 209 -7.28 1.74 19.13
N ASP A 210 -6.39 0.87 19.65
CA ASP A 210 -5.13 1.37 20.19
C ASP A 210 -4.08 1.48 19.10
N GLN A 211 -4.27 2.47 18.22
CA GLN A 211 -3.37 2.74 17.12
C GLN A 211 -1.96 3.05 17.60
N LEU A 212 -1.82 3.82 18.70
CA LEU A 212 -0.52 4.18 19.28
C LEU A 212 0.28 2.96 19.76
N GLN A 213 -0.38 2.00 20.41
CA GLN A 213 0.33 0.79 20.86
C GLN A 213 0.70 -0.14 19.68
N VAL A 214 -0.23 -0.30 18.70
CA VAL A 214 0.01 -1.11 17.52
C VAL A 214 1.22 -0.52 16.79
N GLU A 215 1.29 0.79 16.68
CA GLU A 215 2.42 1.47 16.04
C GLU A 215 3.72 1.33 16.84
N ARG A 216 3.68 1.44 18.19
CA ARG A 216 4.88 1.26 18.99
C ARG A 216 5.44 -0.14 18.76
N LEU A 217 4.56 -1.19 18.71
CA LEU A 217 4.98 -2.60 18.47
C LEU A 217 5.59 -2.78 17.08
N GLN A 218 4.95 -2.19 16.06
CA GLN A 218 5.49 -2.27 14.72
C GLN A 218 6.91 -1.72 14.67
N HIS A 219 7.18 -0.60 15.40
CA HIS A 219 8.51 0.02 15.43
C HIS A 219 9.55 -0.88 16.08
N THR A 220 9.15 -1.78 17.01
CA THR A 220 10.12 -2.71 17.61
C THR A 220 10.54 -3.74 16.60
N TYR A 221 9.62 -4.19 15.73
CA TYR A 221 9.96 -5.18 14.67
C TYR A 221 10.76 -4.52 13.55
N VAL A 222 10.41 -3.28 13.22
CA VAL A 222 11.10 -2.53 12.16
C VAL A 222 12.61 -2.33 12.58
N GLU A 223 12.83 -1.97 13.86
CA GLU A 223 14.16 -1.74 14.42
C GLU A 223 14.93 -3.04 14.44
N ALA A 224 14.25 -4.14 14.83
CA ALA A 224 14.90 -5.47 14.85
C ALA A 224 15.30 -5.93 13.46
N LEU A 225 14.44 -5.65 12.44
CA LEU A 225 14.72 -5.97 11.04
C LEU A 225 15.93 -5.16 10.57
N HIS A 226 15.97 -3.86 10.88
CA HIS A 226 17.07 -2.98 10.49
C HIS A 226 18.40 -3.51 11.03
N ALA A 227 18.44 -3.81 12.34
CA ALA A 227 19.63 -4.30 13.01
C ALA A 227 20.01 -5.67 12.47
N TYR A 228 19.02 -6.54 12.21
CA TYR A 228 19.29 -7.88 11.64
C TYR A 228 19.87 -7.79 10.23
N VAL A 229 19.21 -7.03 9.35
CA VAL A 229 19.64 -6.86 7.95
C VAL A 229 21.04 -6.29 7.86
N SER A 230 21.45 -5.44 8.81
CA SER A 230 22.81 -4.85 8.86
C SER A 230 23.88 -5.93 9.07
N ILE A 231 23.52 -7.10 9.68
CA ILE A 231 24.45 -8.22 9.88
C ILE A 231 24.38 -9.13 8.66
N HIS A 232 23.17 -9.38 8.15
CA HIS A 232 22.97 -10.26 7.00
C HIS A 232 23.52 -9.68 5.71
N HIS A 233 23.40 -8.36 5.53
CA HIS A 233 23.85 -7.63 4.34
C HIS A 233 24.73 -6.46 4.82
N PRO A 234 25.95 -6.69 5.36
CA PRO A 234 26.73 -5.56 5.88
C PRO A 234 27.22 -4.55 4.84
N HIS A 235 27.19 -4.89 3.55
CA HIS A 235 27.67 -3.99 2.50
C HIS A 235 26.57 -3.40 1.61
N ASP A 236 25.30 -3.71 1.90
CA ASP A 236 24.18 -3.22 1.10
C ASP A 236 23.11 -2.59 1.99
N ARG A 237 23.22 -1.28 2.21
CA ARG A 237 22.32 -0.46 3.02
C ARG A 237 20.90 -0.35 2.42
N LEU A 238 20.72 -0.74 1.15
CA LEU A 238 19.41 -0.69 0.50
C LEU A 238 18.55 -1.90 0.77
N MET A 239 19.12 -2.98 1.28
CA MET A 239 18.31 -4.20 1.54
C MET A 239 17.20 -3.99 2.55
N PHE A 240 17.44 -3.26 3.64
CA PHE A 240 16.41 -2.99 4.65
C PHE A 240 15.22 -2.18 4.04
N PRO A 241 15.40 -0.98 3.41
CA PRO A 241 14.23 -0.31 2.79
C PRO A 241 13.61 -1.11 1.66
N ARG A 242 14.37 -1.92 0.90
CA ARG A 242 13.78 -2.72 -0.19
C ARG A 242 12.79 -3.72 0.37
N MET A 243 13.08 -4.31 1.53
CA MET A 243 12.17 -5.26 2.19
C MET A 243 10.93 -4.53 2.68
N LEU A 244 11.13 -3.36 3.34
CA LEU A 244 10.00 -2.56 3.81
C LEU A 244 9.10 -2.15 2.67
N MET A 245 9.66 -1.78 1.49
CA MET A 245 8.90 -1.33 0.32
C MET A 245 8.00 -2.43 -0.27
N LYS A 246 8.25 -3.70 0.08
CA LYS A 246 7.44 -4.81 -0.39
C LYS A 246 6.06 -4.79 0.27
N LEU A 247 5.96 -4.14 1.47
CA LEU A 247 4.71 -3.98 2.22
C LEU A 247 3.80 -3.02 1.45
N VAL A 248 4.41 -2.14 0.64
CA VAL A 248 3.70 -1.15 -0.19
C VAL A 248 2.96 -1.96 -1.28
N SER A 249 3.66 -2.89 -1.94
CA SER A 249 3.10 -3.76 -3.00
C SER A 249 2.02 -4.69 -2.44
N LEU A 250 2.16 -5.18 -1.18
CA LEU A 250 1.16 -6.03 -0.53
C LEU A 250 -0.18 -5.31 -0.34
N ARG A 251 -0.18 -3.97 -0.11
CA ARG A 251 -1.43 -3.22 0.03
C ARG A 251 -2.23 -3.25 -1.22
N THR A 252 -1.56 -3.15 -2.39
CA THR A 252 -2.22 -3.20 -3.69
C THR A 252 -2.76 -4.59 -3.93
N LEU A 253 -1.96 -5.63 -3.60
CA LEU A 253 -2.37 -7.01 -3.77
C LEU A 253 -3.63 -7.30 -2.97
N SER A 254 -3.72 -6.71 -1.77
CA SER A 254 -4.86 -6.83 -0.87
C SER A 254 -6.12 -6.18 -1.53
N SER A 255 -5.92 -5.04 -2.20
CA SER A 255 -6.98 -4.32 -2.89
C SER A 255 -7.48 -5.16 -4.11
N VAL A 256 -6.54 -5.79 -4.82
CA VAL A 256 -6.84 -6.65 -5.97
C VAL A 256 -7.59 -7.92 -5.45
N HIS A 257 -7.19 -8.47 -4.27
CA HIS A 257 -7.88 -9.63 -3.70
C HIS A 257 -9.33 -9.26 -3.34
N SER A 258 -9.58 -8.06 -2.80
CA SER A 258 -10.94 -7.62 -2.48
C SER A 258 -11.87 -7.66 -3.73
N GLU A 259 -11.32 -7.26 -4.90
CA GLU A 259 -12.02 -7.24 -6.19
C GLU A 259 -12.32 -8.69 -6.59
N GLN A 260 -11.39 -9.62 -6.31
CA GLN A 260 -11.53 -11.04 -6.57
C GLN A 260 -12.68 -11.63 -5.71
N VAL A 261 -12.76 -11.22 -4.42
CA VAL A 261 -13.79 -11.68 -3.48
C VAL A 261 -15.16 -11.19 -3.98
N PHE A 262 -15.24 -9.93 -4.47
CA PHE A 262 -16.48 -9.35 -5.02
C PHE A 262 -16.91 -10.09 -6.29
N ALA A 263 -15.94 -10.48 -7.15
CA ALA A 263 -16.19 -11.25 -8.38
C ALA A 263 -16.80 -12.62 -8.04
N LEU A 264 -16.33 -13.28 -6.94
CA LEU A 264 -16.85 -14.59 -6.52
C LEU A 264 -18.30 -14.51 -6.07
N ARG A 265 -18.69 -13.37 -5.48
CA ARG A 265 -20.05 -13.10 -5.02
C ARG A 265 -20.95 -13.05 -6.27
N LEU A 266 -20.49 -12.35 -7.33
CA LEU A 266 -21.19 -12.19 -8.61
C LEU A 266 -21.41 -13.52 -9.34
N GLN A 267 -20.39 -14.39 -9.34
CA GLN A 267 -20.47 -15.72 -9.98
C GLN A 267 -21.06 -16.77 -9.02
N ASP A 268 -21.69 -16.29 -7.92
CA ASP A 268 -22.35 -17.03 -6.84
C ASP A 268 -21.51 -18.19 -6.25
N LYS A 269 -20.16 -18.02 -6.25
CA LYS A 269 -19.19 -18.98 -5.71
C LYS A 269 -18.97 -18.66 -4.24
N LYS A 270 -19.48 -19.51 -3.36
CA LYS A 270 -19.42 -19.32 -1.92
C LYS A 270 -18.11 -19.74 -1.27
N LEU A 271 -17.61 -18.88 -0.39
CA LEU A 271 -16.39 -19.16 0.34
C LEU A 271 -16.76 -19.95 1.60
N PRO A 272 -15.86 -20.82 2.11
CA PRO A 272 -16.17 -21.56 3.34
C PRO A 272 -16.27 -20.61 4.56
N PRO A 273 -16.98 -21.04 5.65
CA PRO A 273 -17.20 -20.14 6.80
C PRO A 273 -16.05 -19.23 7.30
N LEU A 274 -14.83 -19.74 7.55
CA LEU A 274 -13.74 -18.86 8.03
C LEU A 274 -13.32 -17.80 7.01
N LEU A 275 -13.22 -18.16 5.71
CA LEU A 275 -12.83 -17.20 4.69
C LEU A 275 -13.93 -16.21 4.46
N SER A 276 -15.20 -16.65 4.50
CA SER A 276 -16.33 -15.74 4.31
C SER A 276 -16.36 -14.67 5.46
N GLU A 277 -16.06 -15.12 6.68
CA GLU A 277 -16.01 -14.30 7.89
C GLU A 277 -15.00 -13.16 7.79
N ILE A 278 -13.76 -13.49 7.45
CA ILE A 278 -12.71 -12.49 7.37
C ILE A 278 -12.77 -11.66 6.09
N TRP A 279 -13.28 -12.23 4.97
CA TRP A 279 -13.27 -11.51 3.70
C TRP A 279 -14.57 -10.98 3.14
N ASP A 280 -15.70 -11.66 3.36
CA ASP A 280 -16.96 -11.17 2.76
C ASP A 280 -17.49 -9.92 3.42
N VAL A 281 -18.27 -9.15 2.65
CA VAL A 281 -18.93 -7.92 3.08
C VAL A 281 -20.31 -8.38 3.58
N HIS A 282 -20.54 -8.25 4.91
CA HIS A 282 -21.79 -8.66 5.56
C HIS A 282 -22.64 -7.47 6.03
N GLN B 41 26.75 8.96 5.03
CA GLN B 41 26.86 10.42 5.11
C GLN B 41 26.32 11.02 3.82
N LEU B 42 25.65 12.18 3.92
CA LEU B 42 25.10 12.85 2.77
C LEU B 42 26.23 13.34 1.86
N SER B 43 26.25 12.90 0.61
CA SER B 43 27.29 13.32 -0.32
C SER B 43 26.98 14.70 -0.91
N PRO B 44 27.97 15.39 -1.52
CA PRO B 44 27.69 16.68 -2.18
C PRO B 44 26.63 16.51 -3.30
N GLU B 45 26.68 15.38 -4.02
CA GLU B 45 25.76 15.09 -5.11
C GLU B 45 24.32 14.89 -4.59
N GLN B 46 24.13 14.21 -3.45
CA GLN B 46 22.78 14.01 -2.88
C GLN B 46 22.27 15.34 -2.34
N LEU B 47 23.16 16.13 -1.69
CA LEU B 47 22.87 17.45 -1.15
C LEU B 47 22.30 18.36 -2.26
N GLY B 48 23.01 18.45 -3.38
CA GLY B 48 22.62 19.26 -4.52
C GLY B 48 21.34 18.79 -5.17
N MET B 49 21.16 17.47 -5.28
CA MET B 49 19.94 16.90 -5.87
C MET B 49 18.71 17.28 -5.02
N ILE B 50 18.78 17.13 -3.67
CA ILE B 50 17.66 17.43 -2.77
C ILE B 50 17.30 18.91 -2.84
N GLU B 51 18.30 19.77 -2.74
CA GLU B 51 18.09 21.22 -2.78
C GLU B 51 17.38 21.67 -4.07
N LYS B 52 17.79 21.09 -5.21
CA LYS B 52 17.17 21.38 -6.51
C LYS B 52 15.75 20.89 -6.51
N LEU B 53 15.45 19.73 -5.89
CA LEU B 53 14.04 19.27 -5.80
C LEU B 53 13.21 20.24 -4.96
N VAL B 54 13.78 20.77 -3.84
CA VAL B 54 13.07 21.70 -2.95
C VAL B 54 12.77 22.99 -3.71
N ALA B 55 13.77 23.54 -4.41
CA ALA B 55 13.66 24.75 -5.24
C ALA B 55 12.62 24.54 -6.36
N ALA B 56 12.61 23.34 -6.99
CA ALA B 56 11.64 23.03 -8.05
C ALA B 56 10.21 23.03 -7.52
N GLN B 57 10.01 22.64 -6.24
CA GLN B 57 8.67 22.64 -5.66
C GLN B 57 8.16 24.04 -5.29
N GLN B 58 9.04 24.97 -4.83
CA GLN B 58 8.66 26.35 -4.44
C GLN B 58 7.92 27.11 -5.56
N LEU B 69 -4.73 32.72 -12.70
CA LEU B 69 -5.51 31.56 -12.28
C LEU B 69 -6.96 31.91 -11.91
N ARG B 70 -7.92 31.37 -12.67
CA ARG B 70 -9.35 31.60 -12.46
C ARG B 70 -10.04 30.31 -12.00
N VAL B 71 -9.93 30.00 -10.70
CA VAL B 71 -10.55 28.83 -10.07
C VAL B 71 -11.98 29.23 -9.70
N THR B 72 -12.99 28.39 -10.02
CA THR B 72 -14.39 28.65 -9.70
C THR B 72 -14.45 28.93 -8.19
N PRO B 73 -14.89 30.13 -7.73
CA PRO B 73 -14.91 30.38 -6.29
C PRO B 73 -15.86 29.49 -5.49
N TRP B 74 -15.56 29.35 -4.19
CA TRP B 74 -16.34 28.54 -3.26
C TRP B 74 -17.66 29.26 -2.89
N PRO B 75 -18.85 28.62 -3.03
CA PRO B 75 -20.10 29.30 -2.69
C PRO B 75 -20.43 29.25 -1.20
N SER B 82 -29.13 24.39 -3.01
CA SER B 82 -29.32 24.56 -4.45
C SER B 82 -28.35 23.75 -5.28
N ARG B 83 -28.83 23.24 -6.45
CA ARG B 83 -28.08 22.47 -7.46
C ARG B 83 -26.92 23.35 -7.94
N GLU B 84 -27.15 24.69 -8.04
CA GLU B 84 -26.13 25.67 -8.43
C GLU B 84 -24.95 25.66 -7.42
N ALA B 85 -25.24 25.75 -6.09
CA ALA B 85 -24.21 25.76 -5.02
C ALA B 85 -23.46 24.42 -4.94
N ARG B 86 -24.20 23.29 -5.11
CA ARG B 86 -23.68 21.92 -5.09
CA ARG B 86 -23.68 21.92 -5.09
C ARG B 86 -22.70 21.74 -6.26
N GLN B 87 -23.09 22.17 -7.48
CA GLN B 87 -22.27 22.10 -8.70
C GLN B 87 -21.02 22.95 -8.60
N GLN B 88 -21.14 24.13 -7.98
CA GLN B 88 -20.06 25.09 -7.82
C GLN B 88 -18.99 24.59 -6.84
N ARG B 89 -19.40 23.93 -5.73
CA ARG B 89 -18.49 23.36 -4.71
C ARG B 89 -17.65 22.24 -5.34
N PHE B 90 -18.31 21.34 -6.08
CA PHE B 90 -17.74 20.21 -6.80
C PHE B 90 -16.75 20.71 -7.83
N ALA B 91 -17.13 21.76 -8.61
CA ALA B 91 -16.29 22.37 -9.63
C ALA B 91 -15.06 22.99 -8.95
N HIS B 92 -15.25 23.63 -7.76
CA HIS B 92 -14.14 24.23 -7.02
C HIS B 92 -13.06 23.16 -6.69
N PHE B 93 -13.49 22.02 -6.14
CA PHE B 93 -12.65 20.88 -5.76
C PHE B 93 -12.01 20.18 -6.95
N THR B 94 -12.75 20.03 -8.08
CA THR B 94 -12.20 19.39 -9.29
C THR B 94 -11.18 20.32 -9.91
N GLU B 95 -11.43 21.64 -9.82
CA GLU B 95 -10.51 22.62 -10.37
C GLU B 95 -9.21 22.71 -9.55
N LEU B 96 -9.29 22.59 -8.20
CA LEU B 96 -8.10 22.57 -7.33
C LEU B 96 -7.31 21.28 -7.64
N ALA B 97 -8.02 20.16 -7.88
CA ALA B 97 -7.40 18.86 -8.21
C ALA B 97 -6.64 18.98 -9.54
N ILE B 98 -7.22 19.71 -10.54
CA ILE B 98 -6.59 19.94 -11.86
C ILE B 98 -5.30 20.74 -11.69
N VAL B 99 -5.31 21.79 -10.83
CA VAL B 99 -4.12 22.62 -10.53
C VAL B 99 -3.02 21.71 -9.95
N SER B 100 -3.41 20.85 -8.97
CA SER B 100 -2.52 19.91 -8.29
C SER B 100 -1.84 18.94 -9.29
N VAL B 101 -2.60 18.35 -10.24
CA VAL B 101 -2.07 17.43 -11.27
C VAL B 101 -1.04 18.18 -12.10
N GLN B 102 -1.38 19.40 -12.52
CA GLN B 102 -0.48 20.22 -13.32
C GLN B 102 0.85 20.47 -12.63
N GLU B 103 0.83 20.75 -11.31
CA GLU B 103 2.04 20.98 -10.49
C GLU B 103 2.84 19.70 -10.34
N ILE B 104 2.18 18.53 -10.23
CA ILE B 104 2.85 17.24 -10.09
C ILE B 104 3.61 16.91 -11.39
N VAL B 105 2.98 17.15 -12.56
CA VAL B 105 3.56 16.94 -13.91
C VAL B 105 4.80 17.83 -14.04
N ASP B 106 4.69 19.10 -13.67
CA ASP B 106 5.80 20.06 -13.71
C ASP B 106 6.96 19.64 -12.79
N PHE B 107 6.65 19.13 -11.57
CA PHE B 107 7.68 18.70 -10.62
C PHE B 107 8.34 17.39 -11.12
N ALA B 108 7.52 16.44 -11.63
CA ALA B 108 7.99 15.14 -12.18
C ALA B 108 8.99 15.38 -13.29
N LYS B 109 8.72 16.36 -14.15
CA LYS B 109 9.66 16.67 -15.22
C LYS B 109 11.01 17.15 -14.73
N GLN B 110 11.10 17.70 -13.48
CA GLN B 110 12.37 18.18 -12.91
C GLN B 110 13.12 17.09 -12.15
N LEU B 111 12.52 15.90 -11.96
CA LEU B 111 13.17 14.81 -11.24
C LEU B 111 14.27 14.16 -12.04
N PRO B 112 15.54 14.14 -11.56
CA PRO B 112 16.58 13.41 -12.31
C PRO B 112 16.11 12.02 -12.70
N GLY B 113 16.22 11.72 -13.98
CA GLY B 113 15.87 10.43 -14.57
C GLY B 113 14.48 10.30 -15.14
N PHE B 114 13.53 11.17 -14.74
CA PHE B 114 12.14 11.08 -15.19
C PHE B 114 11.95 11.23 -16.73
N LEU B 115 12.52 12.29 -17.33
CA LEU B 115 12.37 12.52 -18.77
C LEU B 115 13.22 11.58 -19.63
N GLN B 116 14.08 10.75 -19.03
CA GLN B 116 14.90 9.76 -19.76
C GLN B 116 14.08 8.50 -19.93
N LEU B 117 13.05 8.32 -19.09
CA LEU B 117 12.15 7.16 -19.20
C LEU B 117 11.32 7.40 -20.45
N SER B 118 10.75 6.35 -21.07
CA SER B 118 9.91 6.60 -22.27
C SER B 118 8.70 7.40 -21.81
N ARG B 119 8.12 8.19 -22.73
CA ARG B 119 6.94 8.98 -22.48
C ARG B 119 5.84 8.07 -21.99
N GLU B 120 5.78 6.84 -22.50
CA GLU B 120 4.78 5.85 -22.09
C GLU B 120 4.91 5.49 -20.59
N ASP B 121 6.15 5.31 -20.11
CA ASP B 121 6.45 4.98 -18.70
C ASP B 121 6.19 6.22 -17.85
N GLN B 122 6.45 7.44 -18.39
CA GLN B 122 6.20 8.72 -17.71
C GLN B 122 4.69 8.81 -17.41
N ILE B 123 3.89 8.41 -18.40
CA ILE B 123 2.42 8.39 -18.26
C ILE B 123 2.00 7.29 -17.31
N ALA B 124 2.56 6.08 -17.44
CA ALA B 124 2.20 4.99 -16.52
C ALA B 124 2.45 5.39 -15.05
N LEU B 125 3.57 6.09 -14.79
CA LEU B 125 3.94 6.49 -13.45
C LEU B 125 3.10 7.57 -12.88
N LEU B 126 2.82 8.62 -13.67
CA LEU B 126 2.04 9.75 -13.22
C LEU B 126 0.58 9.40 -13.06
N LYS B 127 0.07 8.53 -13.92
CA LYS B 127 -1.34 8.15 -13.90
C LYS B 127 -1.79 7.58 -12.55
N THR B 128 -1.00 6.66 -12.00
CA THR B 128 -1.26 5.94 -10.76
C THR B 128 -0.71 6.65 -9.50
N SER B 129 0.40 7.39 -9.61
CA SER B 129 0.96 8.12 -8.46
C SER B 129 0.27 9.47 -8.25
N ALA B 130 -0.47 10.01 -9.25
CA ALA B 130 -1.08 11.34 -9.07
C ALA B 130 -1.87 11.50 -7.77
N ILE B 131 -2.79 10.56 -7.45
CA ILE B 131 -3.62 10.65 -6.23
C ILE B 131 -2.78 10.55 -4.94
N GLU B 132 -1.75 9.69 -4.91
CA GLU B 132 -0.88 9.56 -3.72
C GLU B 132 -0.14 10.85 -3.50
N VAL B 133 0.39 11.47 -4.58
CA VAL B 133 1.13 12.75 -4.49
C VAL B 133 0.18 13.88 -4.08
N MET B 134 -1.07 13.84 -4.57
CA MET B 134 -2.09 14.83 -4.23
C MET B 134 -2.43 14.75 -2.72
N LEU B 135 -2.51 13.51 -2.17
CA LEU B 135 -2.82 13.25 -0.76
C LEU B 135 -1.65 13.62 0.15
N LEU B 136 -0.40 13.46 -0.33
CA LEU B 136 0.79 13.90 0.41
C LEU B 136 0.76 15.44 0.44
N GLU B 137 0.48 16.11 -0.72
CA GLU B 137 0.38 17.59 -0.78
C GLU B 137 -0.74 18.12 0.13
N THR B 138 -1.81 17.34 0.28
CA THR B 138 -2.97 17.67 1.12
C THR B 138 -2.54 17.57 2.61
N SER B 139 -1.87 16.47 2.98
CA SER B 139 -1.39 16.21 4.34
C SER B 139 -0.39 17.27 4.83
N ARG B 140 0.36 17.87 3.89
CA ARG B 140 1.35 18.94 4.11
C ARG B 140 0.65 20.26 4.48
N ARG B 141 -0.60 20.40 4.04
CA ARG B 141 -1.42 21.60 4.24
C ARG B 141 -2.43 21.49 5.36
N TYR B 142 -2.31 20.45 6.20
CA TYR B 142 -3.18 20.16 7.32
C TYR B 142 -2.95 21.09 8.53
N ASN B 143 -4.03 21.56 9.15
CA ASN B 143 -3.96 22.46 10.32
C ASN B 143 -4.50 21.60 11.48
N PRO B 144 -3.66 21.15 12.43
CA PRO B 144 -4.17 20.26 13.49
C PRO B 144 -5.20 20.88 14.43
N GLY B 145 -5.08 22.17 14.70
CA GLY B 145 -5.98 22.90 15.57
C GLY B 145 -7.42 22.88 15.08
N SER B 146 -7.65 23.36 13.85
CA SER B 146 -8.97 23.45 13.21
C SER B 146 -9.41 22.19 12.46
N GLU B 147 -8.50 21.20 12.33
CA GLU B 147 -8.68 19.93 11.61
C GLU B 147 -9.10 20.20 10.17
N SER B 148 -8.47 21.23 9.58
CA SER B 148 -8.75 21.65 8.22
C SER B 148 -7.53 21.53 7.31
N ILE B 149 -7.75 21.64 6.00
CA ILE B 149 -6.68 21.64 5.00
C ILE B 149 -6.78 22.99 4.26
N THR B 150 -5.65 23.69 4.15
CA THR B 150 -5.62 24.97 3.44
C THR B 150 -5.02 24.78 2.06
N PHE B 151 -5.83 24.95 1.01
CA PHE B 151 -5.39 24.84 -0.38
C PHE B 151 -5.05 26.23 -0.92
N LEU B 152 -3.96 26.35 -1.70
CA LEU B 152 -3.47 27.60 -2.31
C LEU B 152 -3.35 28.78 -1.33
N LYS B 153 -2.87 28.51 -0.09
CA LYS B 153 -2.70 29.47 1.02
C LYS B 153 -4.01 30.19 1.48
N ASP B 154 -5.16 30.06 0.75
CA ASP B 154 -6.39 30.72 1.17
C ASP B 154 -7.63 29.85 1.36
N PHE B 155 -7.82 28.84 0.52
CA PHE B 155 -9.01 27.98 0.57
C PHE B 155 -8.94 26.87 1.68
N SER B 156 -9.39 27.19 2.92
CA SER B 156 -9.40 26.28 4.08
C SER B 156 -10.68 25.44 4.21
N TYR B 157 -10.54 24.10 4.21
CA TYR B 157 -11.66 23.17 4.29
C TYR B 157 -11.53 22.04 5.30
N ASN B 158 -12.62 21.77 6.02
CA ASN B 158 -12.74 20.71 7.00
C ASN B 158 -13.54 19.58 6.39
N ARG B 159 -13.79 18.52 7.15
CA ARG B 159 -14.53 17.33 6.74
C ARG B 159 -15.93 17.59 6.20
N GLU B 160 -16.67 18.56 6.81
CA GLU B 160 -18.02 18.93 6.36
C GLU B 160 -17.96 19.62 4.98
N ASP B 161 -16.94 20.47 4.75
CA ASP B 161 -16.75 21.16 3.47
C ASP B 161 -16.44 20.16 2.37
N PHE B 162 -15.72 19.06 2.70
CA PHE B 162 -15.38 18.03 1.74
C PHE B 162 -16.65 17.32 1.33
N ALA B 163 -17.55 17.05 2.29
CA ALA B 163 -18.84 16.41 2.05
C ALA B 163 -19.73 17.30 1.12
N LYS B 164 -19.71 18.62 1.36
CA LYS B 164 -20.46 19.63 0.58
C LYS B 164 -19.91 19.68 -0.86
N ALA B 165 -18.65 19.25 -1.08
CA ALA B 165 -18.03 19.21 -2.39
C ALA B 165 -18.35 17.91 -3.17
N GLY B 166 -19.14 17.02 -2.55
CA GLY B 166 -19.57 15.76 -3.15
C GLY B 166 -18.79 14.51 -2.81
N LEU B 167 -17.85 14.60 -1.83
CA LEU B 167 -17.02 13.44 -1.43
C LEU B 167 -17.81 12.59 -0.43
N GLN B 168 -17.64 11.26 -0.48
CA GLN B 168 -18.34 10.38 0.45
C GLN B 168 -17.52 10.25 1.71
N VAL B 169 -18.16 9.99 2.88
CA VAL B 169 -17.44 9.89 4.17
C VAL B 169 -16.39 8.77 4.19
N GLU B 170 -16.58 7.69 3.42
CA GLU B 170 -15.65 6.56 3.32
C GLU B 170 -14.32 7.01 2.71
N PHE B 171 -14.29 8.17 2.03
CA PHE B 171 -13.07 8.75 1.46
C PHE B 171 -12.54 9.88 2.35
N ILE B 172 -13.42 10.78 2.80
CA ILE B 172 -13.05 11.92 3.66
C ILE B 172 -12.32 11.51 4.96
N ASN B 173 -12.88 10.55 5.73
CA ASN B 173 -12.27 10.16 7.02
C ASN B 173 -10.84 9.66 6.83
N PRO B 174 -10.55 8.70 5.92
CA PRO B 174 -9.14 8.33 5.68
C PRO B 174 -8.24 9.48 5.20
N ILE B 175 -8.73 10.47 4.42
CA ILE B 175 -7.87 11.60 3.99
C ILE B 175 -7.42 12.36 5.26
N PHE B 176 -8.37 12.66 6.13
CA PHE B 176 -8.13 13.43 7.37
C PHE B 176 -7.32 12.66 8.42
N GLU B 177 -7.54 11.34 8.52
CA GLU B 177 -6.81 10.46 9.41
C GLU B 177 -5.35 10.34 8.90
N PHE B 178 -5.14 10.22 7.56
CA PHE B 178 -3.78 10.19 6.98
C PHE B 178 -3.07 11.51 7.24
N SER B 179 -3.78 12.64 7.03
CA SER B 179 -3.27 13.99 7.23
C SER B 179 -2.83 14.22 8.67
N ARG B 180 -3.62 13.73 9.65
CA ARG B 180 -3.33 13.84 11.09
C ARG B 180 -2.06 13.03 11.41
N ALA B 181 -1.97 11.82 10.86
CA ALA B 181 -0.82 10.92 11.04
C ALA B 181 0.44 11.53 10.42
N MET B 182 0.35 12.12 9.21
CA MET B 182 1.48 12.74 8.54
C MET B 182 2.03 13.92 9.30
N ASN B 183 1.12 14.78 9.81
CA ASN B 183 1.42 15.97 10.60
C ASN B 183 2.24 15.63 11.84
N GLU B 184 1.94 14.51 12.51
CA GLU B 184 2.67 14.05 13.70
C GLU B 184 4.14 13.82 13.36
N LEU B 185 4.46 13.34 12.12
CA LEU B 185 5.85 13.11 11.68
C LEU B 185 6.63 14.40 11.51
N GLN B 186 5.92 15.52 11.18
CA GLN B 186 6.52 16.86 11.00
C GLN B 186 7.63 16.83 9.97
N LEU B 187 7.26 16.51 8.73
CA LEU B 187 8.25 16.41 7.66
C LEU B 187 8.55 17.77 7.12
N ASN B 188 9.78 17.97 6.70
CA ASN B 188 10.10 19.28 6.13
C ASN B 188 9.99 19.22 4.59
N ASP B 189 10.34 20.30 3.89
CA ASP B 189 10.24 20.38 2.43
C ASP B 189 11.03 19.29 1.73
N ALA B 190 12.24 19.05 2.22
CA ALA B 190 13.17 18.08 1.66
C ALA B 190 12.62 16.68 1.72
N GLU B 191 12.08 16.30 2.88
CA GLU B 191 11.47 15.00 3.11
C GLU B 191 10.20 14.83 2.30
N PHE B 192 9.39 15.89 2.15
CA PHE B 192 8.18 15.79 1.32
C PHE B 192 8.60 15.63 -0.16
N ALA B 193 9.62 16.37 -0.66
CA ALA B 193 10.07 16.25 -2.06
C ALA B 193 10.59 14.84 -2.36
N LEU B 194 11.35 14.29 -1.42
CA LEU B 194 11.91 12.94 -1.57
C LEU B 194 10.84 11.86 -1.50
N LEU B 195 9.84 11.98 -0.61
CA LEU B 195 8.79 10.95 -0.54
C LEU B 195 7.94 10.97 -1.81
N ILE B 196 7.75 12.19 -2.36
CA ILE B 196 6.99 12.38 -3.60
C ILE B 196 7.77 11.70 -4.75
N ALA B 197 9.10 11.90 -4.83
CA ALA B 197 9.96 11.24 -5.85
C ALA B 197 9.91 9.72 -5.71
N ILE B 198 9.94 9.19 -4.45
CA ILE B 198 9.88 7.74 -4.23
C ILE B 198 8.51 7.17 -4.67
N SER B 199 7.44 7.92 -4.41
CA SER B 199 6.08 7.55 -4.79
C SER B 199 5.96 7.51 -6.31
N ILE B 200 6.54 8.49 -7.02
CA ILE B 200 6.48 8.53 -8.48
C ILE B 200 7.25 7.35 -9.09
N PHE B 201 8.47 7.10 -8.58
CA PHE B 201 9.26 6.00 -9.12
C PHE B 201 8.94 4.64 -8.49
N SER B 202 7.71 4.14 -8.63
CA SER B 202 7.36 2.83 -8.12
C SER B 202 7.24 1.86 -9.30
N ALA B 203 8.19 0.90 -9.40
CA ALA B 203 8.28 -0.10 -10.48
C ALA B 203 7.11 -1.07 -10.56
N ASP B 204 6.34 -1.17 -9.49
CA ASP B 204 5.21 -2.09 -9.42
C ASP B 204 3.90 -1.48 -9.94
N ARG B 205 3.94 -0.23 -10.49
CA ARG B 205 2.73 0.41 -11.01
C ARG B 205 2.25 -0.36 -12.23
N PRO B 206 0.93 -0.40 -12.51
CA PRO B 206 0.49 -1.09 -13.74
C PRO B 206 1.10 -0.47 -14.98
N ASN B 207 1.35 -1.31 -16.00
CA ASN B 207 1.83 -0.94 -17.34
C ASN B 207 3.23 -0.29 -17.41
N VAL B 208 4.10 -0.52 -16.43
CA VAL B 208 5.45 0.04 -16.45
C VAL B 208 6.30 -0.95 -17.28
N GLN B 209 7.05 -0.43 -18.27
CA GLN B 209 7.92 -1.29 -19.08
C GLN B 209 9.30 -1.45 -18.41
N ASP B 210 10.03 -0.34 -18.29
CA ASP B 210 11.38 -0.40 -17.72
C ASP B 210 11.33 -0.41 -16.20
N GLN B 211 10.89 -1.55 -15.64
CA GLN B 211 10.79 -1.76 -14.20
C GLN B 211 12.12 -1.63 -13.51
N LEU B 212 13.19 -2.21 -14.12
CA LEU B 212 14.55 -2.17 -13.59
C LEU B 212 15.05 -0.72 -13.42
N GLN B 213 14.88 0.13 -14.44
CA GLN B 213 15.31 1.54 -14.36
C GLN B 213 14.49 2.34 -13.33
N VAL B 214 13.17 2.16 -13.31
CA VAL B 214 12.31 2.84 -12.37
C VAL B 214 12.72 2.46 -10.92
N GLU B 215 12.99 1.17 -10.68
CA GLU B 215 13.45 0.75 -9.36
C GLU B 215 14.84 1.32 -9.01
N ARG B 216 15.76 1.40 -10.00
CA ARG B 216 17.11 1.93 -9.82
C ARG B 216 17.01 3.39 -9.42
N LEU B 217 16.12 4.16 -10.10
CA LEU B 217 15.89 5.57 -9.78
C LEU B 217 15.26 5.69 -8.39
N GLN B 218 14.28 4.81 -8.06
CA GLN B 218 13.67 4.88 -6.73
C GLN B 218 14.71 4.77 -5.62
N HIS B 219 15.60 3.78 -5.74
CA HIS B 219 16.66 3.53 -4.76
C HIS B 219 17.57 4.73 -4.58
N THR B 220 17.82 5.55 -5.64
CA THR B 220 18.66 6.76 -5.46
C THR B 220 17.97 7.74 -4.53
N TYR B 221 16.63 7.86 -4.65
CA TYR B 221 15.85 8.73 -3.78
C TYR B 221 15.74 8.18 -2.37
N VAL B 222 15.58 6.87 -2.24
CA VAL B 222 15.52 6.22 -0.90
C VAL B 222 16.86 6.46 -0.14
N GLU B 223 18.01 6.24 -0.80
CA GLU B 223 19.36 6.42 -0.23
C GLU B 223 19.56 7.88 0.22
N ALA B 224 19.18 8.84 -0.65
CA ALA B 224 19.29 10.28 -0.34
C ALA B 224 18.38 10.62 0.84
N LEU B 225 17.15 10.03 0.91
CA LEU B 225 16.27 10.29 2.05
C LEU B 225 16.91 9.76 3.32
N HIS B 226 17.48 8.54 3.27
CA HIS B 226 18.11 7.94 4.46
C HIS B 226 19.22 8.83 5.01
N ALA B 227 20.14 9.27 4.14
CA ALA B 227 21.26 10.11 4.48
C ALA B 227 20.78 11.48 4.96
N TYR B 228 19.76 12.05 4.30
CA TYR B 228 19.19 13.34 4.70
C TYR B 228 18.57 13.27 6.10
N VAL B 229 17.76 12.24 6.33
CA VAL B 229 17.08 12.01 7.61
C VAL B 229 18.06 11.80 8.77
N SER B 230 19.23 11.19 8.50
CA SER B 230 20.28 10.96 9.51
C SER B 230 20.91 12.30 10.01
N ILE B 231 20.76 13.38 9.25
CA ILE B 231 21.23 14.72 9.65
C ILE B 231 20.07 15.45 10.39
N HIS B 232 18.83 15.33 9.87
CA HIS B 232 17.67 15.98 10.45
C HIS B 232 17.27 15.38 11.77
N HIS B 233 17.35 14.06 11.90
CA HIS B 233 16.98 13.34 13.13
C HIS B 233 18.15 12.44 13.51
N PRO B 234 19.29 13.02 13.97
CA PRO B 234 20.46 12.17 14.28
C PRO B 234 20.33 11.22 15.47
N HIS B 235 19.33 11.41 16.34
CA HIS B 235 19.16 10.53 17.50
C HIS B 235 17.90 9.67 17.41
N ASP B 236 17.26 9.59 16.20
CA ASP B 236 16.06 8.79 16.01
C ASP B 236 16.13 8.02 14.69
N ARG B 237 16.68 6.80 14.75
CA ARG B 237 16.84 5.91 13.58
C ARG B 237 15.50 5.37 13.02
N LEU B 238 14.37 5.60 13.72
CA LEU B 238 13.04 5.16 13.29
C LEU B 238 12.38 6.17 12.35
N MET B 239 12.85 7.43 12.31
CA MET B 239 12.27 8.46 11.45
C MET B 239 12.31 8.07 9.96
N PHE B 240 13.43 7.49 9.48
CA PHE B 240 13.55 7.03 8.07
C PHE B 240 12.52 5.93 7.71
N PRO B 241 12.47 4.74 8.39
CA PRO B 241 11.44 3.76 8.01
C PRO B 241 10.01 4.26 8.23
N ARG B 242 9.76 5.14 9.25
CA ARG B 242 8.42 5.70 9.49
C ARG B 242 7.91 6.48 8.27
N MET B 243 8.80 7.25 7.61
CA MET B 243 8.41 8.00 6.42
C MET B 243 8.13 7.05 5.29
N LEU B 244 8.97 6.00 5.09
CA LEU B 244 8.73 5.04 4.03
C LEU B 244 7.42 4.32 4.24
N MET B 245 7.10 3.96 5.50
CA MET B 245 5.88 3.25 5.86
C MET B 245 4.63 4.05 5.53
N LYS B 246 4.77 5.39 5.34
CA LYS B 246 3.62 6.20 4.98
C LYS B 246 3.20 5.90 3.56
N LEU B 247 4.13 5.36 2.73
CA LEU B 247 3.86 4.95 1.34
C LEU B 247 2.96 3.73 1.25
N VAL B 248 2.89 2.93 2.34
CA VAL B 248 2.06 1.73 2.45
C VAL B 248 0.62 2.25 2.56
N SER B 249 0.38 3.18 3.53
CA SER B 249 -0.91 3.83 3.81
C SER B 249 -1.46 4.52 2.56
N LEU B 250 -0.57 5.18 1.77
CA LEU B 250 -0.93 5.86 0.53
C LEU B 250 -1.53 4.91 -0.48
N ARG B 251 -1.03 3.66 -0.56
CA ARG B 251 -1.59 2.67 -1.48
C ARG B 251 -3.01 2.32 -1.11
N THR B 252 -3.33 2.25 0.19
CA THR B 252 -4.71 1.95 0.64
C THR B 252 -5.62 3.12 0.28
N LEU B 253 -5.15 4.34 0.48
CA LEU B 253 -5.90 5.56 0.14
C LEU B 253 -6.20 5.67 -1.35
N SER B 254 -5.27 5.21 -2.17
CA SER B 254 -5.43 5.19 -3.61
C SER B 254 -6.58 4.25 -3.98
N SER B 255 -6.72 3.14 -3.27
CA SER B 255 -7.77 2.14 -3.47
C SER B 255 -9.13 2.70 -2.99
N VAL B 256 -9.15 3.43 -1.87
CA VAL B 256 -10.35 4.06 -1.30
C VAL B 256 -10.77 5.13 -2.32
N HIS B 257 -9.79 5.80 -2.95
CA HIS B 257 -10.06 6.80 -3.97
C HIS B 257 -10.70 6.15 -5.21
N SER B 258 -10.20 4.98 -5.64
CA SER B 258 -10.78 4.33 -6.80
C SER B 258 -12.27 3.95 -6.52
N GLU B 259 -12.61 3.65 -5.26
CA GLU B 259 -14.00 3.33 -4.86
C GLU B 259 -14.85 4.60 -4.95
N GLN B 260 -14.25 5.76 -4.61
CA GLN B 260 -14.90 7.06 -4.66
C GLN B 260 -15.18 7.44 -6.14
N VAL B 261 -14.27 7.13 -7.06
CA VAL B 261 -14.41 7.43 -8.50
C VAL B 261 -15.57 6.61 -9.06
N PHE B 262 -15.64 5.33 -8.65
CA PHE B 262 -16.70 4.39 -9.02
C PHE B 262 -18.06 4.95 -8.53
N ALA B 263 -18.15 5.39 -7.25
CA ALA B 263 -19.38 5.97 -6.65
C ALA B 263 -19.86 7.20 -7.44
N LEU B 264 -18.93 8.00 -8.01
CA LEU B 264 -19.29 9.17 -8.81
C LEU B 264 -19.97 8.75 -10.13
N ARG B 265 -19.59 7.57 -10.68
CA ARG B 265 -20.14 7.00 -11.90
C ARG B 265 -21.63 6.71 -11.71
N LEU B 266 -21.96 6.03 -10.59
CA LEU B 266 -23.31 5.65 -10.18
C LEU B 266 -24.25 6.84 -10.02
N GLN B 267 -23.76 7.94 -9.41
CA GLN B 267 -24.56 9.15 -9.19
C GLN B 267 -24.44 10.17 -10.36
N ASP B 268 -23.90 9.72 -11.52
CA ASP B 268 -23.69 10.46 -12.78
C ASP B 268 -22.96 11.83 -12.62
N LYS B 269 -22.12 11.99 -11.58
CA LYS B 269 -21.32 13.17 -11.33
C LYS B 269 -20.10 12.96 -12.22
N LYS B 270 -19.94 13.81 -13.23
CA LYS B 270 -18.85 13.67 -14.18
C LYS B 270 -17.60 14.41 -13.81
N LEU B 271 -16.46 13.72 -13.93
CA LEU B 271 -15.17 14.34 -13.65
C LEU B 271 -14.76 15.16 -14.87
N PRO B 272 -14.07 16.32 -14.68
CA PRO B 272 -13.65 17.09 -15.85
C PRO B 272 -12.65 16.29 -16.72
N PRO B 273 -12.40 16.66 -18.01
CA PRO B 273 -11.54 15.82 -18.88
C PRO B 273 -10.21 15.26 -18.32
N LEU B 274 -9.31 16.07 -17.73
CA LEU B 274 -8.02 15.56 -17.21
C LEU B 274 -8.16 14.52 -16.08
N LEU B 275 -9.09 14.77 -15.14
CA LEU B 275 -9.34 13.86 -14.03
C LEU B 275 -9.97 12.60 -14.54
N SER B 276 -10.91 12.71 -15.53
CA SER B 276 -11.56 11.51 -16.10
C SER B 276 -10.54 10.65 -16.87
N GLU B 277 -9.57 11.31 -17.49
CA GLU B 277 -8.50 10.66 -18.24
C GLU B 277 -7.62 9.80 -17.32
N ILE B 278 -7.09 10.40 -16.24
CA ILE B 278 -6.20 9.63 -15.36
C ILE B 278 -6.94 8.65 -14.44
N TRP B 279 -8.19 8.95 -14.04
CA TRP B 279 -8.93 8.12 -13.09
C TRP B 279 -10.06 7.23 -13.54
N ASP B 280 -10.87 7.65 -14.53
CA ASP B 280 -12.01 6.83 -14.95
C ASP B 280 -11.60 5.55 -15.68
N VAL B 281 -12.47 4.53 -15.58
CA VAL B 281 -12.31 3.23 -16.22
C VAL B 281 -13.06 3.32 -17.57
N HIS B 282 -12.31 3.15 -18.68
CA HIS B 282 -12.86 3.23 -20.05
C HIS B 282 -12.93 1.87 -20.75
N SER C 7 -19.83 -5.38 17.71
CA SER C 7 -18.37 -5.61 17.71
C SER C 7 -17.87 -6.42 16.54
N LEU C 8 -16.53 -6.44 16.32
CA LEU C 8 -15.94 -7.29 15.29
C LEU C 8 -15.94 -8.69 15.85
N THR C 9 -15.71 -8.81 17.16
CA THR C 9 -15.66 -10.09 17.88
C THR C 9 -16.91 -10.94 17.65
N GLU C 10 -18.11 -10.37 17.84
CA GLU C 10 -19.36 -11.11 17.64
C GLU C 10 -19.56 -11.53 16.17
N ARG C 11 -18.92 -10.82 15.21
CA ARG C 11 -19.01 -11.03 13.75
C ARG C 11 -17.90 -11.93 13.22
N HIS C 12 -16.96 -12.35 14.09
CA HIS C 12 -15.83 -13.21 13.73
C HIS C 12 -15.69 -14.33 14.75
N LYS C 13 -16.73 -15.18 14.87
CA LYS C 13 -16.74 -16.27 15.84
C LYS C 13 -15.67 -17.34 15.65
N ILE C 14 -15.35 -17.71 14.41
CA ILE C 14 -14.32 -18.75 14.18
C ILE C 14 -12.92 -18.22 14.54
N LEU C 15 -12.60 -17.01 14.06
CA LEU C 15 -11.33 -16.34 14.34
C LEU C 15 -11.21 -16.13 15.86
N HIS C 16 -12.31 -15.71 16.48
CA HIS C 16 -12.35 -15.53 17.93
C HIS C 16 -12.00 -16.85 18.62
N ARG C 17 -12.66 -17.97 18.22
CA ARG C 17 -12.39 -19.29 18.81
C ARG C 17 -10.94 -19.75 18.58
N LEU C 18 -10.36 -19.47 17.38
CA LEU C 18 -8.96 -19.83 17.08
C LEU C 18 -8.00 -19.05 18.02
N LEU C 19 -8.33 -17.81 18.35
CA LEU C 19 -7.51 -17.00 19.23
C LEU C 19 -7.59 -17.48 20.67
N GLN C 20 -8.78 -17.90 21.12
CA GLN C 20 -9.03 -18.36 22.47
C GLN C 20 -8.33 -19.66 22.81
N GLU C 21 -8.28 -20.61 21.87
CA GLU C 21 -7.67 -21.93 22.06
C GLU C 21 -6.16 -21.86 22.31
N SER D 7 -1.75 1.85 -26.61
CA SER D 7 -0.87 2.40 -25.60
C SER D 7 -1.59 3.26 -24.58
N LEU D 8 -0.94 3.56 -23.44
CA LEU D 8 -1.53 4.49 -22.50
C LEU D 8 -1.44 5.86 -23.13
N THR D 9 -0.38 6.16 -23.91
CA THR D 9 -0.22 7.49 -24.54
C THR D 9 -1.43 7.95 -25.33
N GLU D 10 -2.00 7.07 -26.19
CA GLU D 10 -3.15 7.43 -27.05
C GLU D 10 -4.42 7.73 -26.25
N ARG D 11 -4.54 7.11 -25.05
CA ARG D 11 -5.68 7.25 -24.14
C ARG D 11 -5.47 8.33 -23.08
N HIS D 12 -4.32 9.02 -23.08
CA HIS D 12 -3.99 10.07 -22.11
C HIS D 12 -3.46 11.30 -22.80
N LYS D 13 -4.27 11.85 -23.73
CA LYS D 13 -3.94 13.01 -24.56
C LYS D 13 -3.64 14.29 -23.78
N ILE D 14 -4.41 14.60 -22.72
CA ILE D 14 -4.19 15.82 -21.94
C ILE D 14 -2.87 15.75 -21.16
N LEU D 15 -2.67 14.63 -20.46
CA LEU D 15 -1.46 14.38 -19.68
C LEU D 15 -0.25 14.35 -20.63
N HIS D 16 -0.40 13.71 -21.82
CA HIS D 16 0.65 13.69 -22.83
C HIS D 16 1.07 15.13 -23.22
N ARG D 17 0.10 16.05 -23.49
CA ARG D 17 0.40 17.45 -23.86
C ARG D 17 1.10 18.21 -22.74
N LEU D 18 0.71 17.97 -21.45
CA LEU D 18 1.34 18.60 -20.28
C LEU D 18 2.82 18.21 -20.18
N LEU D 19 3.14 16.96 -20.50
CA LEU D 19 4.51 16.46 -20.51
C LEU D 19 5.35 17.03 -21.66
N GLN D 20 4.76 17.13 -22.86
CA GLN D 20 5.40 17.67 -24.08
C GLN D 20 5.75 19.16 -23.99
N GLU D 21 4.88 19.99 -23.40
CA GLU D 21 5.06 21.45 -23.31
C GLU D 21 6.29 21.91 -22.49
F2 668 E . -10.95 -17.87 -4.98
C24 668 E . -9.96 -17.13 -4.46
F 668 E . -10.36 -15.86 -4.50
F1 668 E . -8.94 -17.23 -5.29
C3 668 E . -9.60 -17.57 -3.04
O 668 E . -10.77 -17.32 -2.27
C1 668 E . -9.21 -19.05 -2.83
C2 668 E . -10.18 -20.01 -3.51
C 668 E . -9.05 -19.41 -1.36
C4 668 E . -8.47 -16.61 -2.61
O1 668 E . -8.91 -15.61 -2.07
N 668 E . -7.15 -16.75 -2.83
C9 668 E . -6.21 -15.90 -2.10
C8 668 E . -5.37 -16.71 -1.13
C7 668 E . -4.64 -17.86 -1.83
C6 668 E . -5.59 -18.67 -2.72
C5 668 E . -6.40 -17.74 -3.62
C10 668 E . -3.89 -18.75 -0.85
C14 668 E . -3.56 -20.14 -1.40
C13 668 E . -2.98 -21.00 -0.29
N1 668 E . -1.81 -20.26 0.32
C12 668 E . -2.14 -18.93 0.91
C11 668 E . -2.63 -18.10 -0.27
C15 668 E . -0.94 -21.04 1.25
C23 668 E . -1.38 -22.27 1.69
C22 668 E . -0.52 -23.04 2.45
CL 668 E . -1.11 -24.57 3.03
C18 668 E . 0.76 -22.62 2.77
C17 668 E . 1.17 -21.35 2.33
C16 668 E . 0.32 -20.55 1.58
C19 668 E . 1.73 -23.50 3.52
O2 668 E . 2.44 -24.25 2.88
N2 668 E . 1.73 -23.45 4.86
C21 668 E . 2.56 -24.35 5.67
C20 668 E . 0.87 -22.56 5.64
F2 668 F . -15.13 13.69 -5.39
C24 668 F . -13.93 13.15 -5.58
F 668 F . -14.13 11.98 -6.18
F1 668 F . -13.45 12.86 -4.38
C3 668 F . -13.00 14.06 -6.38
O 668 F . -13.25 13.69 -7.74
C1 668 F . -13.17 15.60 -6.32
C2 668 F . -14.58 16.05 -6.71
C 668 F . -12.13 16.33 -7.18
C4 668 F . -11.58 13.57 -6.00
O1 668 F . -11.21 12.66 -6.71
N 668 F . -10.81 14.02 -4.99
C9 668 F . -9.47 13.48 -4.78
C8 668 F . -8.42 14.57 -4.85
C7 668 F . -8.70 15.72 -3.87
C6 668 F . -10.13 16.20 -4.06
C5 668 F . -11.11 15.04 -3.97
C10 668 F . -7.68 16.84 -4.01
C14 668 F . -8.23 18.22 -3.63
C13 668 F . -7.23 19.28 -4.05
N1 668 F . -5.86 18.95 -3.47
C12 668 F . -5.31 17.55 -3.71
C11 668 F . -6.38 16.56 -3.25
C15 668 F . -4.79 19.96 -3.60
C23 668 F . -5.02 21.08 -4.37
C22 668 F . -4.13 22.13 -4.32
CL 668 F . -4.47 23.53 -5.29
C18 668 F . -2.98 22.08 -3.53
C17 668 F . -2.75 20.91 -2.80
C16 668 F . -3.63 19.85 -2.83
C19 668 F . -2.05 23.26 -3.40
O2 668 F . -2.22 24.05 -2.49
N2 668 F . -1.07 23.40 -4.31
C21 668 F . -0.15 24.54 -4.27
C20 668 F . -0.83 22.47 -5.42
S SO4 G . -11.61 -13.78 25.53
O1 SO4 G . -11.66 -14.05 24.10
O2 SO4 G . -10.27 -14.02 26.10
O3 SO4 G . -11.98 -12.40 25.76
O4 SO4 G . -12.55 -14.66 26.21
S SO4 H . 6.45 13.05 -27.73
O1 SO4 H . 5.24 13.29 -28.49
O2 SO4 H . 7.48 12.60 -28.65
O3 SO4 H . 6.86 14.28 -27.06
O4 SO4 H . 6.22 11.99 -26.76
#